data_6O1Z
#
_entry.id   6O1Z
#
_cell.length_a   108.500
_cell.length_b   108.500
_cell.length_c   148.990
_cell.angle_alpha   90.000
_cell.angle_beta   90.000
_cell.angle_gamma   120.000
#
_symmetry.space_group_name_H-M   'P 6 2 2'
#
_entity_poly.entity_id   1
_entity_poly.type   'polypeptide(L)'
_entity_poly.pdbx_seq_one_letter_code
;SKNKEDKRNAEYRLAFEQLNFVGADSKTPILKSFIEDKGTRIDEITFESMIPIETWKSYIPQLQTSLNISIISIEQGASK
RIVIIKSMAGDAKIPKYLPWDDKYIEEQEGVVVVGQTFSGNIKIDLNKSPHILSAGETGSGKSVILRCILWQLLKQGAIA
YMVDFKGGVEFGLEYEKVGQVITEVDAAEKLFKYLVDENAKRLKLLRESGSKNIGEYNKKFEGEELKRIIVVIDELAELM
DKTGVDDETRAKLVRIEGYTSTLARLSRATGINLCIGVQRPDAKVITGQIKNNVPVRICGRFADSKASEIVLSNTKAKDL
PEVKGRFLFKLGADTVQFQAFYFDDDKHFIPNKILKLRKDEIEDK
;
_entity_poly.pdbx_strand_id   A
#
# COMPACT_ATOMS: atom_id res chain seq x y z
N ASP A 6 -36.99 10.98 4.47
CA ASP A 6 -37.93 9.86 4.54
C ASP A 6 -38.01 9.06 3.23
N LYS A 7 -37.40 9.58 2.15
CA LYS A 7 -37.32 8.92 0.84
C LYS A 7 -36.47 7.66 0.98
N ARG A 8 -35.39 7.75 1.78
CA ARG A 8 -34.44 6.68 2.08
C ARG A 8 -35.09 5.61 2.98
N ASN A 9 -35.93 6.02 3.94
CA ASN A 9 -36.63 5.11 4.84
C ASN A 9 -37.59 4.19 4.05
N ALA A 10 -38.40 4.79 3.15
CA ALA A 10 -39.36 4.07 2.29
C ALA A 10 -38.68 3.24 1.19
N GLU A 11 -37.48 3.66 0.74
CA GLU A 11 -36.75 2.90 -0.27
C GLU A 11 -36.14 1.62 0.34
N TYR A 12 -35.77 1.67 1.64
CA TYR A 12 -35.24 0.52 2.39
C TYR A 12 -36.38 -0.46 2.73
N ARG A 13 -37.48 0.09 3.34
CA ARG A 13 -38.75 -0.55 3.72
C ARG A 13 -39.21 -1.49 2.59
N LEU A 14 -39.11 -0.99 1.33
CA LEU A 14 -39.44 -1.68 0.09
C LEU A 14 -38.45 -2.81 -0.20
N ALA A 15 -37.13 -2.53 -0.16
CA ALA A 15 -36.08 -3.53 -0.45
C ALA A 15 -36.18 -4.71 0.53
N PHE A 16 -36.41 -4.40 1.84
CA PHE A 16 -36.62 -5.40 2.89
C PHE A 16 -37.90 -6.17 2.61
N GLU A 17 -39.03 -5.42 2.41
CA GLU A 17 -40.37 -5.90 2.07
C GLU A 17 -40.31 -6.92 0.90
N GLN A 18 -39.37 -6.70 -0.04
CA GLN A 18 -39.16 -7.54 -1.22
C GLN A 18 -38.46 -8.82 -0.82
N LEU A 19 -37.27 -8.70 -0.16
CA LEU A 19 -36.42 -9.81 0.28
C LEU A 19 -37.07 -10.65 1.37
N ASN A 20 -38.18 -10.14 1.93
CA ASN A 20 -38.93 -10.70 3.06
C ASN A 20 -38.01 -10.75 4.28
N PHE A 21 -37.12 -9.75 4.38
CA PHE A 21 -36.15 -9.64 5.45
C PHE A 21 -36.92 -9.16 6.68
N VAL A 22 -37.44 -10.12 7.45
CA VAL A 22 -38.28 -9.87 8.64
C VAL A 22 -37.71 -10.55 9.88
N GLY A 23 -37.96 -9.91 11.02
CA GLY A 23 -37.55 -10.41 12.32
C GLY A 23 -38.46 -11.48 12.85
N ALA A 24 -38.15 -12.00 14.03
CA ALA A 24 -38.93 -13.04 14.70
C ALA A 24 -40.36 -12.54 15.05
N ASP A 25 -40.50 -11.20 15.07
CA ASP A 25 -41.73 -10.45 15.38
C ASP A 25 -42.48 -9.97 14.11
N SER A 26 -42.09 -10.52 12.91
CA SER A 26 -42.63 -10.23 11.58
C SER A 26 -42.24 -8.82 11.10
N LYS A 27 -41.77 -7.97 12.03
CA LYS A 27 -41.30 -6.59 11.84
C LYS A 27 -40.03 -6.53 10.96
N THR A 28 -40.06 -5.68 9.90
CA THR A 28 -38.91 -5.44 9.01
C THR A 28 -37.92 -4.50 9.73
N PRO A 29 -36.64 -4.42 9.28
CA PRO A 29 -35.70 -3.51 9.94
C PRO A 29 -36.07 -2.03 9.79
N ILE A 30 -36.22 -1.35 10.94
CA ILE A 30 -36.55 0.06 10.99
C ILE A 30 -35.24 0.82 10.91
N LEU A 31 -35.17 1.86 10.06
CA LEU A 31 -33.98 2.72 9.90
C LEU A 31 -33.89 3.68 11.10
N LYS A 32 -32.66 3.94 11.60
CA LYS A 32 -32.42 4.81 12.75
C LYS A 32 -31.59 6.05 12.40
N SER A 33 -30.41 5.85 11.81
CA SER A 33 -29.53 6.96 11.44
C SER A 33 -28.81 6.70 10.14
N PHE A 34 -28.70 7.74 9.31
CA PHE A 34 -27.97 7.71 8.05
C PHE A 34 -26.94 8.85 8.04
N ILE A 35 -25.71 8.53 8.51
CA ILE A 35 -24.58 9.46 8.61
C ILE A 35 -23.92 9.60 7.24
N GLU A 36 -24.16 10.76 6.61
CA GLU A 36 -23.66 11.09 5.28
C GLU A 36 -22.25 11.71 5.35
N ASP A 37 -21.21 10.86 5.45
CA ASP A 37 -19.83 11.36 5.45
C ASP A 37 -19.45 11.55 3.97
N LYS A 38 -19.62 12.78 3.46
CA LYS A 38 -19.33 13.18 2.08
C LYS A 38 -17.81 13.10 1.81
N GLY A 39 -17.02 13.43 2.84
CA GLY A 39 -15.57 13.41 2.83
C GLY A 39 -14.99 12.05 2.50
N THR A 40 -15.46 11.00 3.21
CA THR A 40 -15.01 9.62 3.02
C THR A 40 -15.84 8.84 1.98
N ARG A 41 -17.03 9.37 1.56
CA ARG A 41 -18.00 8.76 0.64
C ARG A 41 -18.64 7.46 1.22
N ILE A 42 -18.36 7.19 2.52
CA ILE A 42 -18.82 6.05 3.35
C ILE A 42 -19.97 6.56 4.26
N ASP A 43 -21.01 5.71 4.47
CA ASP A 43 -22.20 6.04 5.27
C ASP A 43 -22.52 5.04 6.40
N GLU A 44 -22.87 5.55 7.60
CA GLU A 44 -23.21 4.71 8.76
C GLU A 44 -24.73 4.56 8.94
N ILE A 45 -25.28 3.50 8.28
CA ILE A 45 -26.70 3.12 8.25
C ILE A 45 -27.03 2.21 9.43
N THR A 46 -27.92 2.66 10.32
CA THR A 46 -28.26 1.89 11.51
C THR A 46 -29.72 1.42 11.49
N PHE A 47 -29.94 0.14 11.82
CA PHE A 47 -31.27 -0.45 11.86
C PHE A 47 -31.55 -1.15 13.18
N GLU A 48 -32.81 -1.08 13.61
CA GLU A 48 -33.26 -1.78 14.80
C GLU A 48 -34.25 -2.84 14.30
N SER A 49 -33.84 -4.11 14.36
CA SER A 49 -34.62 -5.25 13.89
C SER A 49 -34.48 -6.46 14.82
N MET A 50 -35.26 -7.52 14.58
CA MET A 50 -35.22 -8.75 15.37
C MET A 50 -34.51 -9.85 14.58
N ILE A 51 -33.49 -9.43 13.80
CA ILE A 51 -32.68 -10.27 12.93
C ILE A 51 -31.22 -10.27 13.41
N PRO A 52 -30.72 -11.40 14.00
CA PRO A 52 -29.31 -11.45 14.43
C PRO A 52 -28.30 -11.07 13.34
N ILE A 53 -27.21 -10.39 13.74
CA ILE A 53 -26.13 -9.90 12.86
C ILE A 53 -25.61 -10.97 11.91
N GLU A 54 -25.48 -12.21 12.40
CA GLU A 54 -25.03 -13.38 11.65
C GLU A 54 -25.88 -13.61 10.41
N THR A 55 -27.20 -13.38 10.55
CA THR A 55 -28.20 -13.53 9.49
C THR A 55 -28.12 -12.35 8.52
N TRP A 56 -27.86 -11.13 9.04
CA TRP A 56 -27.66 -9.96 8.20
C TRP A 56 -26.40 -10.20 7.37
N LYS A 57 -25.37 -10.76 8.03
CA LYS A 57 -24.05 -11.08 7.48
C LYS A 57 -24.09 -12.09 6.32
N SER A 58 -24.93 -13.13 6.44
CA SER A 58 -25.06 -14.13 5.39
C SER A 58 -25.88 -13.61 4.22
N TYR A 59 -26.80 -12.67 4.51
CA TYR A 59 -27.68 -12.02 3.54
C TYR A 59 -27.05 -10.76 2.91
N ILE A 60 -25.77 -10.46 3.25
CA ILE A 60 -25.05 -9.29 2.74
C ILE A 60 -25.11 -9.16 1.18
N PRO A 61 -24.91 -10.23 0.37
CA PRO A 61 -25.00 -10.04 -1.09
C PRO A 61 -26.39 -9.57 -1.53
N GLN A 62 -27.46 -10.17 -0.93
CA GLN A 62 -28.88 -9.88 -1.21
C GLN A 62 -29.21 -8.44 -0.84
N LEU A 63 -28.66 -7.94 0.30
CA LEU A 63 -28.82 -6.58 0.77
C LEU A 63 -28.17 -5.62 -0.25
N GLN A 64 -26.85 -5.78 -0.48
CA GLN A 64 -26.04 -5.00 -1.41
C GLN A 64 -26.76 -4.74 -2.73
N THR A 65 -27.23 -5.80 -3.40
CA THR A 65 -27.90 -5.75 -4.70
C THR A 65 -29.27 -5.04 -4.62
N SER A 66 -30.03 -5.28 -3.53
CA SER A 66 -31.33 -4.62 -3.32
C SER A 66 -31.14 -3.11 -3.14
N LEU A 67 -30.57 -2.72 -1.99
CA LEU A 67 -30.28 -1.34 -1.58
C LEU A 67 -29.21 -0.60 -2.43
N ASN A 68 -28.60 -1.28 -3.45
CA ASN A 68 -27.53 -0.77 -4.32
C ASN A 68 -26.41 -0.12 -3.50
N ILE A 69 -25.76 -0.94 -2.67
CA ILE A 69 -24.70 -0.50 -1.77
C ILE A 69 -23.52 -1.47 -1.73
N SER A 70 -22.37 -1.00 -1.21
CA SER A 70 -21.14 -1.76 -1.01
C SER A 70 -20.95 -1.82 0.50
N ILE A 71 -21.35 -2.93 1.14
CA ILE A 71 -21.21 -3.10 2.59
C ILE A 71 -19.73 -3.40 2.91
N ILE A 72 -19.21 -2.72 3.94
CA ILE A 72 -17.85 -2.91 4.42
C ILE A 72 -17.90 -3.80 5.66
N SER A 73 -18.76 -3.44 6.64
CA SER A 73 -18.92 -4.20 7.88
C SER A 73 -20.32 -4.05 8.52
N ILE A 74 -20.71 -5.07 9.29
CA ILE A 74 -21.99 -5.13 9.99
C ILE A 74 -21.71 -5.24 11.52
N GLU A 75 -21.24 -4.14 12.11
CA GLU A 75 -20.96 -4.15 13.54
C GLU A 75 -22.22 -3.97 14.36
N GLN A 76 -22.41 -4.84 15.36
CA GLN A 76 -23.52 -4.80 16.30
C GLN A 76 -23.44 -3.44 17.07
N GLY A 77 -24.60 -2.84 17.29
CA GLY A 77 -24.69 -1.56 17.99
C GLY A 77 -24.85 -1.70 19.49
N ALA A 78 -25.40 -0.64 20.10
CA ALA A 78 -25.69 -0.51 21.54
C ALA A 78 -26.28 -1.81 22.10
N SER A 79 -27.42 -2.24 21.53
CA SER A 79 -28.06 -3.47 21.92
C SER A 79 -27.98 -4.51 20.80
N LYS A 80 -28.39 -5.76 21.12
CA LYS A 80 -28.44 -6.92 20.22
C LYS A 80 -29.40 -6.68 19.00
N ARG A 81 -30.42 -5.82 19.18
CA ARG A 81 -31.41 -5.48 18.16
C ARG A 81 -30.93 -4.37 17.22
N ILE A 82 -30.00 -3.53 17.72
CA ILE A 82 -29.38 -2.43 16.98
C ILE A 82 -28.16 -2.99 16.23
N VAL A 83 -28.02 -2.62 14.94
CA VAL A 83 -26.93 -3.06 14.08
C VAL A 83 -26.58 -1.93 13.10
N ILE A 84 -25.26 -1.62 12.99
CA ILE A 84 -24.72 -0.56 12.13
C ILE A 84 -24.01 -1.16 10.93
N ILE A 85 -24.47 -0.78 9.75
CA ILE A 85 -23.92 -1.23 8.49
C ILE A 85 -23.00 -0.13 7.97
N LYS A 86 -21.67 -0.38 8.04
CA LYS A 86 -20.65 0.52 7.52
C LYS A 86 -20.66 0.25 6.03
N SER A 87 -21.22 1.19 5.25
CA SER A 87 -21.40 0.96 3.82
C SER A 87 -21.34 2.21 2.98
N MET A 88 -20.82 2.06 1.75
CA MET A 88 -20.73 3.14 0.77
C MET A 88 -21.61 2.87 -0.46
N ALA A 89 -21.82 3.90 -1.30
CA ALA A 89 -22.63 3.87 -2.52
C ALA A 89 -22.38 2.69 -3.47
N GLY A 90 -23.42 2.35 -4.24
CA GLY A 90 -23.39 1.29 -5.25
C GLY A 90 -22.84 1.78 -6.57
N ASP A 91 -22.64 3.10 -6.68
CA ASP A 91 -22.07 3.74 -7.85
C ASP A 91 -20.62 4.08 -7.51
N ALA A 92 -19.84 2.99 -7.32
CA ALA A 92 -18.42 2.95 -6.98
C ALA A 92 -17.62 3.72 -8.03
N LYS A 93 -17.27 4.97 -7.70
CA LYS A 93 -16.52 5.87 -8.57
C LYS A 93 -15.02 5.51 -8.62
N ILE A 94 -14.66 4.58 -9.54
CA ILE A 94 -13.30 4.10 -9.82
C ILE A 94 -12.93 4.36 -11.29
N PRO A 95 -11.81 5.10 -11.55
CA PRO A 95 -11.46 5.45 -12.93
C PRO A 95 -11.05 4.29 -13.84
N LYS A 96 -11.25 4.48 -15.16
CA LYS A 96 -10.92 3.55 -16.24
C LYS A 96 -9.38 3.46 -16.40
N TYR A 97 -8.74 4.64 -16.55
CA TYR A 97 -7.31 4.87 -16.76
C TYR A 97 -6.94 6.13 -15.95
N LEU A 98 -5.91 6.03 -15.08
CA LEU A 98 -5.50 7.17 -14.26
C LEU A 98 -4.12 7.72 -14.64
N PRO A 99 -4.03 8.78 -15.47
CA PRO A 99 -2.71 9.32 -15.82
C PRO A 99 -2.08 10.14 -14.69
N TRP A 100 -0.77 9.92 -14.44
CA TRP A 100 -0.01 10.64 -13.41
C TRP A 100 0.12 12.13 -13.75
N ASP A 101 0.22 12.95 -12.70
CA ASP A 101 0.49 14.38 -12.77
C ASP A 101 1.24 14.86 -11.54
N ASP A 102 2.28 15.68 -11.75
CA ASP A 102 3.12 16.15 -10.66
C ASP A 102 2.35 16.98 -9.62
N LYS A 103 1.08 17.33 -9.93
CA LYS A 103 0.18 18.06 -9.05
C LYS A 103 -0.15 17.23 -7.80
N TYR A 104 -0.13 15.87 -7.95
CA TYR A 104 -0.42 14.92 -6.89
C TYR A 104 0.65 14.82 -5.82
N ILE A 105 1.90 15.26 -6.09
CA ILE A 105 3.00 15.20 -5.11
C ILE A 105 2.63 15.96 -3.83
N GLU A 106 2.62 15.21 -2.72
CA GLU A 106 2.28 15.71 -1.40
C GLU A 106 3.36 16.62 -0.82
N GLU A 107 2.93 17.64 -0.05
CA GLU A 107 3.91 18.48 0.60
C GLU A 107 4.36 17.88 1.92
N GLN A 108 3.53 17.00 2.54
CA GLN A 108 3.93 16.33 3.78
C GLN A 108 5.03 15.28 3.47
N GLU A 109 6.29 15.60 3.84
CA GLU A 109 7.43 14.72 3.60
C GLU A 109 7.24 13.33 4.20
N GLY A 110 7.19 12.34 3.31
CA GLY A 110 7.05 10.92 3.64
C GLY A 110 5.76 10.31 3.16
N VAL A 111 4.90 11.14 2.56
CA VAL A 111 3.58 10.77 2.03
C VAL A 111 3.61 10.55 0.52
N VAL A 112 3.05 9.42 0.11
CA VAL A 112 3.01 9.03 -1.29
C VAL A 112 1.61 8.59 -1.73
N VAL A 113 1.14 9.11 -2.85
CA VAL A 113 -0.15 8.74 -3.44
C VAL A 113 0.10 7.54 -4.38
N VAL A 114 -0.78 6.52 -4.38
CA VAL A 114 -0.55 5.36 -5.25
C VAL A 114 -1.59 5.21 -6.36
N GLY A 115 -2.74 5.80 -6.15
CA GLY A 115 -3.84 5.75 -7.11
C GLY A 115 -5.07 6.38 -6.52
N GLN A 116 -6.22 6.14 -7.16
CA GLN A 116 -7.49 6.69 -6.71
C GLN A 116 -8.50 5.58 -6.40
N THR A 117 -9.07 5.59 -5.17
CA THR A 117 -10.10 4.62 -4.78
C THR A 117 -11.48 5.20 -5.18
N PHE A 118 -12.54 4.85 -4.46
CA PHE A 118 -13.89 5.35 -4.77
C PHE A 118 -14.07 6.77 -4.27
N SER A 119 -13.64 7.02 -3.01
CA SER A 119 -13.70 8.32 -2.35
C SER A 119 -12.67 9.24 -2.99
N GLY A 120 -11.40 9.02 -2.67
CA GLY A 120 -10.30 9.81 -3.20
C GLY A 120 -9.00 9.07 -3.42
N ASN A 121 -7.92 9.84 -3.56
CA ASN A 121 -6.56 9.35 -3.78
C ASN A 121 -6.10 8.60 -2.54
N ILE A 122 -5.39 7.48 -2.74
CA ILE A 122 -4.85 6.70 -1.63
C ILE A 122 -3.52 7.33 -1.24
N LYS A 123 -3.38 7.72 0.02
CA LYS A 123 -2.14 8.29 0.54
C LYS A 123 -1.47 7.22 1.37
N ILE A 124 -0.17 7.36 1.64
CA ILE A 124 0.63 6.48 2.49
C ILE A 124 1.60 7.35 3.28
N ASP A 125 1.61 7.18 4.60
CA ASP A 125 2.60 7.89 5.38
C ASP A 125 3.68 6.83 5.70
N LEU A 126 4.88 7.01 5.10
CA LEU A 126 6.00 6.10 5.31
C LEU A 126 6.58 6.19 6.73
N ASN A 127 6.18 7.25 7.50
CA ASN A 127 6.52 7.38 8.92
C ASN A 127 5.52 6.51 9.76
N LYS A 128 4.26 6.33 9.26
CA LYS A 128 3.25 5.46 9.85
C LYS A 128 3.54 4.04 9.40
N SER A 129 3.23 3.68 8.12
CA SER A 129 3.48 2.36 7.44
C SER A 129 4.74 2.48 6.56
N PRO A 130 5.92 1.87 6.87
CA PRO A 130 7.11 2.21 6.11
C PRO A 130 7.47 1.37 4.91
N HIS A 131 6.92 0.17 4.78
CA HIS A 131 7.39 -0.61 3.65
C HIS A 131 6.22 -1.02 2.77
N ILE A 132 6.48 -1.10 1.46
CA ILE A 132 5.44 -1.43 0.49
C ILE A 132 5.73 -2.73 -0.24
N LEU A 133 4.69 -3.54 -0.41
CA LEU A 133 4.78 -4.76 -1.18
C LEU A 133 3.80 -4.74 -2.32
N SER A 134 4.31 -4.66 -3.54
CA SER A 134 3.46 -4.66 -4.73
C SER A 134 3.63 -6.01 -5.39
N ALA A 135 2.52 -6.79 -5.48
CA ALA A 135 2.47 -8.09 -6.14
C ALA A 135 1.49 -8.05 -7.31
N GLY A 136 1.89 -8.67 -8.40
CA GLY A 136 1.10 -8.71 -9.62
C GLY A 136 1.83 -9.47 -10.71
N GLU A 137 1.09 -10.24 -11.50
CA GLU A 137 1.72 -11.05 -12.54
C GLU A 137 2.36 -10.19 -13.61
N THR A 138 3.19 -10.79 -14.49
CA THR A 138 3.79 -9.98 -15.53
C THR A 138 2.68 -9.60 -16.52
N GLY A 139 2.86 -8.47 -17.15
CA GLY A 139 1.85 -7.88 -18.01
C GLY A 139 1.64 -6.47 -17.50
N SER A 140 2.68 -5.98 -16.74
CA SER A 140 2.87 -4.65 -16.16
C SER A 140 2.07 -4.40 -14.85
N GLY A 141 2.17 -3.14 -14.39
CA GLY A 141 1.49 -2.59 -13.23
C GLY A 141 2.33 -2.57 -11.99
N LYS A 142 2.58 -3.76 -11.47
CA LYS A 142 3.32 -4.10 -10.25
C LYS A 142 4.46 -3.08 -9.89
N SER A 143 5.51 -3.02 -10.74
CA SER A 143 6.67 -2.16 -10.52
C SER A 143 6.41 -0.67 -10.79
N VAL A 144 5.55 -0.37 -11.79
CA VAL A 144 5.16 1.01 -12.15
C VAL A 144 4.71 1.83 -10.91
N ILE A 145 4.02 1.19 -9.97
CA ILE A 145 3.55 1.78 -8.71
C ILE A 145 4.75 2.25 -7.83
N LEU A 146 5.83 1.43 -7.82
CA LEU A 146 7.05 1.65 -7.04
C LEU A 146 7.86 2.75 -7.63
N ARG A 147 8.03 2.72 -8.96
CA ARG A 147 8.72 3.77 -9.70
C ARG A 147 8.01 5.12 -9.51
N CYS A 148 6.66 5.12 -9.51
CA CYS A 148 5.85 6.29 -9.23
C CYS A 148 6.10 6.78 -7.78
N ILE A 149 6.16 5.86 -6.81
CA ILE A 149 6.45 6.22 -5.42
C ILE A 149 7.86 6.85 -5.29
N LEU A 150 8.87 6.24 -6.01
CA LEU A 150 10.26 6.69 -6.05
C LEU A 150 10.30 8.15 -6.56
N TRP A 151 9.62 8.43 -7.67
CA TRP A 151 9.56 9.77 -8.20
C TRP A 151 9.08 10.79 -7.16
N GLN A 152 8.03 10.48 -6.41
CA GLN A 152 7.48 11.38 -5.40
C GLN A 152 8.48 11.74 -4.30
N LEU A 153 9.21 10.71 -3.82
CA LEU A 153 10.20 10.84 -2.77
C LEU A 153 11.46 11.54 -3.26
N LEU A 154 11.83 11.27 -4.52
CA LEU A 154 12.97 11.89 -5.17
C LEU A 154 12.75 13.41 -5.25
N LYS A 155 11.49 13.77 -5.62
CA LYS A 155 10.96 15.11 -5.68
C LYS A 155 10.92 15.72 -4.24
N GLN A 156 10.71 14.88 -3.21
CA GLN A 156 10.74 15.38 -1.84
C GLN A 156 12.21 15.42 -1.30
N GLY A 157 13.18 15.21 -2.16
CA GLY A 157 14.59 15.26 -1.79
C GLY A 157 15.21 14.04 -1.12
N ALA A 158 14.57 12.84 -1.22
CA ALA A 158 15.05 11.57 -0.68
C ALA A 158 16.32 11.08 -1.38
N ILE A 159 17.00 10.06 -0.79
CA ILE A 159 18.17 9.35 -1.33
C ILE A 159 17.68 7.97 -1.82
N ALA A 160 17.88 7.66 -3.13
CA ALA A 160 17.44 6.40 -3.72
C ALA A 160 18.55 5.39 -3.97
N TYR A 161 18.18 4.13 -3.76
CA TYR A 161 18.93 2.90 -4.05
C TYR A 161 17.96 1.98 -4.76
N MET A 162 18.28 1.63 -5.99
CA MET A 162 17.45 0.72 -6.76
C MET A 162 18.18 -0.61 -6.84
N VAL A 163 17.47 -1.72 -6.75
CA VAL A 163 18.03 -3.08 -6.78
C VAL A 163 17.33 -3.80 -7.94
N ASP A 164 18.06 -4.09 -9.05
CA ASP A 164 17.57 -4.80 -10.25
C ASP A 164 18.65 -5.77 -10.79
N PHE A 165 18.41 -7.06 -10.58
CA PHE A 165 19.35 -8.08 -11.02
C PHE A 165 19.23 -8.41 -12.49
N LYS A 166 18.21 -7.88 -13.23
CA LYS A 166 18.14 -8.14 -14.69
C LYS A 166 19.07 -7.12 -15.36
N GLY A 167 20.34 -7.17 -14.95
CA GLY A 167 21.39 -6.27 -15.40
C GLY A 167 21.05 -4.79 -15.50
N GLY A 168 20.18 -4.29 -14.61
CA GLY A 168 19.75 -2.89 -14.52
C GLY A 168 18.86 -2.47 -15.66
N VAL A 169 18.03 -3.39 -16.15
CA VAL A 169 17.17 -3.17 -17.31
C VAL A 169 15.92 -2.38 -16.93
N GLU A 170 15.22 -2.71 -15.84
CA GLU A 170 14.01 -1.98 -15.45
C GLU A 170 14.28 -0.57 -14.84
N PHE A 171 15.55 -0.33 -14.50
CA PHE A 171 16.06 0.94 -14.03
C PHE A 171 17.20 1.35 -15.01
N GLY A 172 16.83 2.06 -16.08
CA GLY A 172 17.78 2.51 -17.09
C GLY A 172 18.79 3.55 -16.65
N LEU A 173 19.68 3.95 -17.57
CA LEU A 173 20.75 4.96 -17.37
C LEU A 173 20.19 6.29 -16.83
N GLU A 174 18.86 6.49 -17.03
CA GLU A 174 18.10 7.61 -16.52
C GLU A 174 18.05 7.57 -14.98
N TYR A 175 17.70 6.41 -14.42
CA TYR A 175 17.61 6.13 -13.00
C TYR A 175 18.95 6.15 -12.29
N GLU A 176 20.03 5.82 -13.03
CA GLU A 176 21.40 5.83 -12.50
C GLU A 176 21.88 7.26 -12.28
N LYS A 177 21.21 8.28 -12.94
CA LYS A 177 21.48 9.73 -12.81
C LYS A 177 21.06 10.25 -11.44
N VAL A 178 20.00 9.64 -10.84
CA VAL A 178 19.35 10.01 -9.57
C VAL A 178 19.75 9.11 -8.41
N GLY A 179 20.40 8.02 -8.70
CA GLY A 179 20.83 7.11 -7.64
C GLY A 179 21.57 5.92 -8.15
N GLN A 180 21.92 5.03 -7.22
CA GLN A 180 22.65 3.79 -7.48
C GLN A 180 21.70 2.70 -7.91
N VAL A 181 22.06 1.96 -8.97
CA VAL A 181 21.26 0.82 -9.47
C VAL A 181 22.11 -0.46 -9.22
N ILE A 182 21.66 -1.32 -8.30
CA ILE A 182 22.36 -2.53 -7.85
C ILE A 182 21.92 -3.73 -8.67
N THR A 183 22.86 -4.29 -9.45
CA THR A 183 22.54 -5.36 -10.39
C THR A 183 23.08 -6.78 -10.05
N GLU A 184 23.79 -6.94 -8.91
CA GLU A 184 24.43 -8.21 -8.54
C GLU A 184 24.43 -8.48 -7.05
N VAL A 185 24.72 -9.72 -6.66
CA VAL A 185 24.79 -10.17 -5.26
C VAL A 185 25.87 -9.43 -4.45
N ASP A 186 27.02 -9.11 -5.08
CA ASP A 186 28.15 -8.41 -4.45
C ASP A 186 27.72 -7.07 -3.92
N ALA A 187 27.23 -6.19 -4.82
CA ALA A 187 26.74 -4.87 -4.45
C ALA A 187 25.58 -4.97 -3.47
N ALA A 188 24.61 -5.87 -3.74
CA ALA A 188 23.46 -6.07 -2.87
C ALA A 188 23.89 -6.38 -1.43
N GLU A 189 25.03 -7.11 -1.28
CA GLU A 189 25.59 -7.45 0.02
C GLU A 189 26.17 -6.22 0.67
N LYS A 190 27.08 -5.48 -0.04
CA LYS A 190 27.68 -4.23 0.43
C LYS A 190 26.57 -3.24 0.91
N LEU A 191 25.58 -3.04 0.01
CA LEU A 191 24.43 -2.15 0.18
C LEU A 191 23.59 -2.46 1.42
N PHE A 192 22.99 -3.66 1.48
CA PHE A 192 22.14 -4.02 2.58
C PHE A 192 22.88 -4.00 3.91
N LYS A 193 24.22 -4.27 3.90
CA LYS A 193 25.07 -4.20 5.09
C LYS A 193 25.18 -2.71 5.48
N TYR A 194 25.54 -1.83 4.52
CA TYR A 194 25.61 -0.38 4.76
C TYR A 194 24.33 0.19 5.38
N LEU A 195 23.17 -0.07 4.76
CA LEU A 195 21.84 0.43 5.17
C LEU A 195 21.53 0.04 6.58
N VAL A 196 21.90 -1.18 6.94
CA VAL A 196 21.77 -1.69 8.28
C VAL A 196 22.61 -0.86 9.25
N ASP A 197 23.86 -0.51 8.84
CA ASP A 197 24.79 0.28 9.64
C ASP A 197 24.32 1.73 9.73
N GLU A 198 23.67 2.21 8.66
CA GLU A 198 23.13 3.56 8.58
C GLU A 198 21.94 3.69 9.53
N ASN A 199 21.01 2.69 9.51
CA ASN A 199 19.81 2.57 10.37
C ASN A 199 20.24 2.61 11.82
N ALA A 200 21.39 1.97 12.09
CA ALA A 200 22.07 1.85 13.37
C ALA A 200 22.57 3.19 13.84
N LYS A 201 23.26 3.93 12.94
CA LYS A 201 23.78 5.26 13.26
C LYS A 201 22.62 6.20 13.56
N ARG A 202 21.50 6.00 12.84
CA ARG A 202 20.30 6.81 12.96
C ARG A 202 19.53 6.57 14.26
N LEU A 203 19.41 5.31 14.71
CA LEU A 203 18.71 5.01 15.97
C LEU A 203 19.45 5.63 17.13
N LYS A 204 20.79 5.77 17.00
CA LYS A 204 21.62 6.41 18.01
C LYS A 204 21.19 7.89 18.11
N LEU A 205 21.28 8.64 16.96
CA LEU A 205 20.91 10.04 16.82
C LEU A 205 19.51 10.36 17.28
N LEU A 206 18.53 9.51 16.94
CA LEU A 206 17.13 9.65 17.34
C LEU A 206 16.92 9.51 18.81
N ARG A 207 17.50 8.43 19.40
CA ARG A 207 17.37 8.10 20.83
C ARG A 207 17.90 9.22 21.72
N GLU A 208 19.09 9.73 21.34
CA GLU A 208 19.86 10.76 22.04
C GLU A 208 19.24 12.11 21.88
N SER A 209 18.69 12.39 20.70
CA SER A 209 18.01 13.66 20.43
C SER A 209 16.70 13.60 21.19
N GLY A 210 16.26 12.38 21.48
CA GLY A 210 15.01 12.15 22.18
C GLY A 210 13.83 12.36 21.25
N SER A 211 13.88 11.67 20.09
CA SER A 211 12.85 11.72 19.08
C SER A 211 12.47 10.33 18.68
N LYS A 212 11.15 10.11 18.44
CA LYS A 212 10.59 8.81 18.03
C LYS A 212 10.74 8.48 16.52
N ASN A 213 10.87 9.48 15.63
CA ASN A 213 11.06 9.29 14.19
C ASN A 213 11.72 10.51 13.57
N ILE A 214 12.17 10.41 12.29
CA ILE A 214 12.81 11.54 11.60
C ILE A 214 11.86 12.70 11.37
N GLY A 215 10.54 12.45 11.42
CA GLY A 215 9.55 13.52 11.33
C GLY A 215 9.72 14.46 12.51
N GLU A 216 9.80 13.86 13.72
CA GLU A 216 10.06 14.56 14.97
C GLU A 216 11.44 15.24 14.90
N TYR A 217 12.51 14.44 14.70
CA TYR A 217 13.91 14.87 14.63
C TYR A 217 14.12 15.97 13.65
N ASN A 218 13.48 15.92 12.46
CA ASN A 218 13.69 16.92 11.40
C ASN A 218 13.02 18.27 11.73
N LYS A 219 11.99 18.28 12.60
CA LYS A 219 11.38 19.54 13.10
C LYS A 219 12.34 20.19 14.13
N LYS A 220 13.19 19.39 14.78
CA LYS A 220 14.18 19.78 15.79
C LYS A 220 15.52 20.24 15.21
N PHE A 221 15.91 19.77 14.01
CA PHE A 221 17.18 20.14 13.39
C PHE A 221 16.95 20.43 11.93
N GLU A 222 17.29 21.63 11.46
CA GLU A 222 16.99 22.02 10.09
C GLU A 222 18.22 22.31 9.19
N GLY A 223 19.32 22.80 9.78
CA GLY A 223 20.58 23.06 9.07
C GLY A 223 21.11 21.76 8.51
N GLU A 224 21.19 20.74 9.40
CA GLU A 224 21.55 19.36 9.10
C GLU A 224 20.32 18.52 9.50
N GLU A 225 19.68 17.89 8.51
CA GLU A 225 18.50 17.04 8.66
C GLU A 225 18.87 15.64 8.21
N LEU A 226 18.06 14.63 8.55
CA LEU A 226 18.35 13.28 8.07
C LEU A 226 17.59 13.04 6.79
N LYS A 227 18.31 12.75 5.67
CA LYS A 227 17.68 12.49 4.38
C LYS A 227 17.00 11.11 4.38
N ARG A 228 15.75 11.07 3.90
CA ARG A 228 15.03 9.82 3.84
C ARG A 228 15.73 8.94 2.80
N ILE A 229 15.90 7.66 3.09
CA ILE A 229 16.49 6.73 2.15
C ILE A 229 15.35 5.83 1.62
N ILE A 230 15.26 5.67 0.31
CA ILE A 230 14.26 4.88 -0.40
C ILE A 230 14.95 3.77 -1.22
N VAL A 231 14.62 2.53 -0.86
CA VAL A 231 15.18 1.29 -1.41
C VAL A 231 14.15 0.50 -2.22
N VAL A 232 14.26 0.58 -3.56
CA VAL A 232 13.37 -0.13 -4.48
C VAL A 232 14.01 -1.42 -4.89
N ILE A 233 13.26 -2.53 -4.79
CA ILE A 233 13.69 -3.89 -5.13
C ILE A 233 12.74 -4.40 -6.26
N ASP A 234 13.12 -4.17 -7.55
CA ASP A 234 12.33 -4.54 -8.74
C ASP A 234 11.69 -5.91 -8.61
N GLU A 235 12.49 -6.94 -8.28
CA GLU A 235 11.99 -8.26 -7.99
C GLU A 235 12.71 -8.79 -6.75
N LEU A 236 11.94 -9.34 -5.78
CA LEU A 236 12.45 -9.86 -4.50
C LEU A 236 13.14 -11.19 -4.69
N ALA A 237 12.50 -12.13 -5.43
CA ALA A 237 12.99 -13.49 -5.74
C ALA A 237 14.40 -13.51 -6.31
N GLU A 238 14.85 -12.35 -6.87
CA GLU A 238 16.19 -12.13 -7.40
C GLU A 238 17.20 -12.34 -6.23
N LEU A 239 16.85 -11.81 -5.03
CA LEU A 239 17.62 -11.97 -3.81
C LEU A 239 17.20 -13.26 -3.10
N MET A 240 15.87 -13.52 -3.08
CA MET A 240 15.22 -14.61 -2.35
C MET A 240 15.30 -16.03 -2.97
N ASP A 241 16.34 -16.31 -3.78
CA ASP A 241 16.49 -17.63 -4.37
C ASP A 241 17.96 -18.04 -4.49
N LYS A 242 18.36 -18.97 -3.58
CA LYS A 242 19.69 -19.57 -3.41
C LYS A 242 19.84 -20.82 -4.26
N THR A 243 18.69 -21.51 -4.50
CA THR A 243 18.49 -22.80 -5.19
C THR A 243 19.29 -22.94 -6.49
N GLY A 244 20.58 -23.22 -6.34
CA GLY A 244 21.53 -23.40 -7.42
C GLY A 244 22.94 -22.91 -7.13
N VAL A 245 23.07 -21.75 -6.48
CA VAL A 245 24.36 -21.09 -6.18
C VAL A 245 25.31 -21.92 -5.30
N ASP A 246 26.63 -21.63 -5.44
CA ASP A 246 27.75 -22.17 -4.66
C ASP A 246 27.72 -21.62 -3.22
N ASP A 247 28.43 -22.30 -2.29
CA ASP A 247 28.54 -21.97 -0.85
C ASP A 247 28.84 -20.48 -0.55
N GLU A 248 29.78 -19.87 -1.32
CA GLU A 248 30.22 -18.49 -1.18
C GLU A 248 29.01 -17.56 -1.38
N THR A 249 28.27 -17.80 -2.47
CA THR A 249 27.09 -17.02 -2.84
C THR A 249 25.91 -17.35 -1.91
N ARG A 250 25.70 -18.65 -1.59
CA ARG A 250 24.61 -19.10 -0.70
C ARG A 250 24.63 -18.33 0.64
N ALA A 251 25.85 -17.99 1.12
CA ALA A 251 26.14 -17.21 2.33
C ALA A 251 25.70 -15.77 2.14
N LYS A 252 26.15 -15.12 1.01
CA LYS A 252 25.81 -13.75 0.66
C LYS A 252 24.30 -13.54 0.67
N LEU A 253 23.54 -14.35 -0.09
CA LEU A 253 22.08 -14.30 -0.15
C LEU A 253 21.40 -14.46 1.22
N VAL A 254 22.06 -15.16 2.16
CA VAL A 254 21.53 -15.37 3.51
C VAL A 254 21.83 -14.12 4.33
N ARG A 255 23.06 -13.59 4.18
CA ARG A 255 23.53 -12.38 4.83
C ARG A 255 22.52 -11.25 4.46
N ILE A 256 22.24 -11.11 3.13
CA ILE A 256 21.26 -10.22 2.50
C ILE A 256 19.87 -10.45 3.09
N GLU A 257 19.47 -11.71 3.28
CA GLU A 257 18.19 -12.05 3.91
C GLU A 257 18.15 -11.55 5.40
N GLY A 258 19.29 -11.50 6.06
CA GLY A 258 19.39 -11.05 7.43
C GLY A 258 19.35 -9.56 7.58
N TYR A 259 19.83 -8.84 6.54
CA TYR A 259 19.88 -7.38 6.55
C TYR A 259 18.52 -6.82 6.20
N THR A 260 17.87 -7.43 5.17
CA THR A 260 16.54 -7.03 4.73
C THR A 260 15.57 -7.19 5.91
N SER A 261 15.61 -8.35 6.61
CA SER A 261 14.82 -8.64 7.81
C SER A 261 15.05 -7.60 8.90
N THR A 262 16.33 -7.28 9.18
CA THR A 262 16.76 -6.29 10.18
C THR A 262 16.15 -4.93 9.86
N LEU A 263 16.36 -4.41 8.61
CA LEU A 263 15.77 -3.13 8.22
C LEU A 263 14.24 -3.19 8.30
N ALA A 264 13.59 -4.14 7.61
CA ALA A 264 12.13 -4.26 7.64
C ALA A 264 11.54 -4.16 9.06
N ARG A 265 12.22 -4.79 10.04
CA ARG A 265 11.84 -4.79 11.46
C ARG A 265 12.20 -3.50 12.21
N LEU A 266 13.27 -2.77 11.82
CA LEU A 266 13.68 -1.63 12.65
C LEU A 266 13.59 -0.17 12.03
N SER A 267 13.44 -0.07 10.68
CA SER A 267 13.41 1.16 9.87
C SER A 267 12.45 2.28 10.28
N ARG A 268 11.12 2.01 10.47
CA ARG A 268 10.04 2.98 10.76
C ARG A 268 10.53 4.37 11.24
N ALA A 269 11.29 4.41 12.35
CA ALA A 269 11.81 5.65 12.93
C ALA A 269 12.79 6.42 12.01
N THR A 270 13.83 5.72 11.53
CA THR A 270 15.01 6.20 10.83
C THR A 270 14.83 6.71 9.37
N GLY A 271 13.65 6.51 8.80
CA GLY A 271 13.39 6.99 7.44
C GLY A 271 14.09 6.24 6.30
N ILE A 272 14.18 4.90 6.40
CA ILE A 272 14.77 4.03 5.37
C ILE A 272 13.59 3.17 4.90
N ASN A 273 13.09 3.41 3.69
CA ASN A 273 11.89 2.71 3.25
C ASN A 273 12.11 1.72 2.11
N LEU A 274 11.51 0.53 2.28
CA LEU A 274 11.59 -0.57 1.32
C LEU A 274 10.33 -0.71 0.48
N CYS A 275 10.51 -0.67 -0.87
CA CYS A 275 9.45 -0.91 -1.86
C CYS A 275 9.82 -2.17 -2.67
N ILE A 276 9.08 -3.28 -2.43
CA ILE A 276 9.33 -4.59 -3.00
C ILE A 276 8.32 -5.09 -4.07
N GLY A 277 8.86 -5.48 -5.23
CA GLY A 277 8.08 -6.02 -6.33
C GLY A 277 8.17 -7.53 -6.41
N VAL A 278 7.01 -8.20 -6.57
CA VAL A 278 6.88 -9.66 -6.71
C VAL A 278 5.89 -10.02 -7.82
N GLN A 279 6.40 -10.71 -8.86
CA GLN A 279 5.69 -11.16 -10.06
C GLN A 279 4.81 -12.37 -9.76
N ARG A 280 5.14 -13.11 -8.70
CA ARG A 280 4.39 -14.30 -8.28
C ARG A 280 4.70 -14.66 -6.83
N PRO A 281 3.74 -14.42 -5.91
CA PRO A 281 4.00 -14.71 -4.49
C PRO A 281 4.24 -16.20 -4.21
N ASP A 282 5.24 -16.43 -3.34
CA ASP A 282 5.71 -17.71 -2.81
C ASP A 282 6.25 -17.45 -1.39
N ALA A 283 6.00 -18.37 -0.43
CA ALA A 283 6.47 -18.24 0.97
C ALA A 283 7.98 -18.34 1.08
N LYS A 284 8.62 -18.89 0.05
CA LYS A 284 10.07 -19.04 -0.07
C LYS A 284 10.67 -17.70 -0.61
N VAL A 285 9.80 -16.81 -1.16
CA VAL A 285 10.16 -15.49 -1.67
C VAL A 285 9.67 -14.47 -0.60
N ILE A 286 8.34 -14.27 -0.50
CA ILE A 286 7.76 -13.42 0.55
C ILE A 286 7.78 -14.32 1.77
N THR A 287 8.92 -14.30 2.47
CA THR A 287 9.17 -15.11 3.65
C THR A 287 8.35 -14.63 4.83
N GLY A 288 8.69 -15.15 6.00
CA GLY A 288 8.02 -14.80 7.25
C GLY A 288 8.22 -13.35 7.59
N GLN A 289 9.51 -13.00 7.85
CA GLN A 289 9.99 -11.67 8.21
C GLN A 289 9.51 -10.57 7.29
N ILE A 290 9.74 -10.73 5.99
CA ILE A 290 9.35 -9.77 4.98
C ILE A 290 7.85 -9.48 5.11
N LYS A 291 6.98 -10.47 4.93
CA LYS A 291 5.54 -10.32 5.07
C LYS A 291 5.15 -9.74 6.47
N ASN A 292 5.75 -10.26 7.56
CA ASN A 292 5.52 -9.80 8.93
C ASN A 292 5.76 -8.31 9.14
N ASN A 293 6.80 -7.75 8.52
CA ASN A 293 7.23 -6.35 8.69
C ASN A 293 6.92 -5.37 7.54
N VAL A 294 6.32 -5.85 6.44
CA VAL A 294 5.92 -5.02 5.31
C VAL A 294 4.39 -4.71 5.43
N PRO A 295 4.00 -3.51 5.95
CA PRO A 295 2.55 -3.20 6.09
C PRO A 295 1.74 -3.16 4.78
N VAL A 296 2.01 -2.16 3.92
CA VAL A 296 1.29 -1.95 2.67
C VAL A 296 1.42 -3.13 1.70
N ARG A 297 0.25 -3.55 1.17
CA ARG A 297 0.13 -4.65 0.22
C ARG A 297 -0.65 -4.20 -1.01
N ILE A 298 -0.03 -4.29 -2.16
CA ILE A 298 -0.67 -4.01 -3.43
C ILE A 298 -0.81 -5.33 -4.18
N CYS A 299 -2.04 -5.63 -4.68
CA CYS A 299 -2.26 -6.90 -5.34
C CYS A 299 -2.97 -6.81 -6.65
N GLY A 300 -2.39 -7.50 -7.63
CA GLY A 300 -2.89 -7.61 -8.98
C GLY A 300 -3.82 -8.77 -9.15
N ARG A 301 -4.48 -8.83 -10.31
CA ARG A 301 -5.41 -9.88 -10.68
C ARG A 301 -4.68 -11.24 -10.78
N PHE A 302 -4.81 -12.06 -9.74
CA PHE A 302 -4.22 -13.39 -9.73
C PHE A 302 -5.35 -14.40 -9.75
N ALA A 303 -5.27 -15.38 -10.68
CA ALA A 303 -6.25 -16.45 -10.86
C ALA A 303 -6.04 -17.60 -9.84
N ASP A 304 -4.89 -17.57 -9.15
CA ASP A 304 -4.48 -18.50 -8.09
C ASP A 304 -4.87 -17.90 -6.72
N SER A 305 -5.65 -18.68 -5.93
CA SER A 305 -6.11 -18.29 -4.60
C SER A 305 -4.97 -18.28 -3.58
N LYS A 306 -3.98 -19.21 -3.77
CA LYS A 306 -2.77 -19.34 -2.93
C LYS A 306 -1.98 -18.04 -2.94
N ALA A 307 -1.73 -17.48 -4.14
CA ALA A 307 -0.99 -16.23 -4.35
C ALA A 307 -1.67 -15.03 -3.66
N SER A 308 -3.02 -15.00 -3.65
CA SER A 308 -3.83 -13.94 -3.04
C SER A 308 -3.69 -13.98 -1.51
N GLU A 309 -3.73 -15.21 -0.95
CA GLU A 309 -3.60 -15.52 0.48
C GLU A 309 -2.25 -15.07 1.05
N ILE A 310 -1.18 -15.13 0.23
CA ILE A 310 0.18 -14.76 0.64
C ILE A 310 0.25 -13.27 0.96
N VAL A 311 -0.04 -12.43 -0.07
CA VAL A 311 -0.01 -10.96 -0.04
C VAL A 311 -1.20 -10.38 0.69
N LEU A 312 -2.42 -10.60 0.17
CA LEU A 312 -3.62 -10.03 0.77
C LEU A 312 -4.07 -10.76 2.03
N SER A 313 -3.70 -12.07 2.19
CA SER A 313 -4.13 -12.94 3.28
C SER A 313 -5.66 -13.01 3.35
N ASN A 314 -6.25 -13.15 2.14
CA ASN A 314 -7.65 -13.33 1.77
C ASN A 314 -7.63 -13.66 0.27
N THR A 315 -8.80 -13.89 -0.37
CA THR A 315 -8.81 -14.24 -1.80
C THR A 315 -9.72 -13.27 -2.61
N LYS A 316 -9.30 -12.00 -2.67
CA LYS A 316 -10.00 -10.92 -3.36
C LYS A 316 -9.38 -10.57 -4.71
N ALA A 317 -8.12 -11.04 -4.95
CA ALA A 317 -7.35 -10.79 -6.17
C ALA A 317 -8.02 -11.39 -7.41
N LYS A 318 -8.69 -12.55 -7.25
CA LYS A 318 -9.41 -13.28 -8.30
C LYS A 318 -10.58 -12.44 -8.85
N ASP A 319 -11.29 -11.80 -7.91
CA ASP A 319 -12.51 -10.99 -8.04
C ASP A 319 -12.29 -9.60 -8.66
N LEU A 320 -11.03 -9.25 -8.97
CA LEU A 320 -10.65 -7.98 -9.59
C LEU A 320 -11.11 -7.90 -11.04
N PRO A 321 -11.46 -6.71 -11.58
CA PRO A 321 -11.84 -6.64 -13.00
C PRO A 321 -10.63 -6.72 -13.95
N GLU A 322 -10.86 -7.12 -15.21
CA GLU A 322 -9.86 -7.28 -16.27
C GLU A 322 -9.40 -5.91 -16.81
N VAL A 323 -9.01 -5.01 -15.90
CA VAL A 323 -8.56 -3.65 -16.25
C VAL A 323 -7.11 -3.46 -15.77
N LYS A 324 -6.27 -2.85 -16.64
CA LYS A 324 -4.86 -2.54 -16.35
C LYS A 324 -4.84 -1.37 -15.38
N GLY A 325 -4.07 -1.52 -14.31
CA GLY A 325 -3.97 -0.49 -13.29
C GLY A 325 -4.93 -0.71 -12.14
N ARG A 326 -5.91 -1.60 -12.34
CA ARG A 326 -6.88 -1.93 -11.30
C ARG A 326 -6.25 -2.90 -10.33
N PHE A 327 -5.87 -2.37 -9.14
CA PHE A 327 -5.19 -3.08 -8.06
C PHE A 327 -5.96 -3.04 -6.73
N LEU A 328 -5.43 -3.77 -5.74
CA LEU A 328 -5.99 -3.84 -4.41
C LEU A 328 -4.97 -3.44 -3.38
N PHE A 329 -5.24 -2.30 -2.74
CA PHE A 329 -4.40 -1.76 -1.70
C PHE A 329 -4.88 -2.34 -0.39
N LYS A 330 -3.92 -2.76 0.44
CA LYS A 330 -4.18 -3.32 1.76
C LYS A 330 -3.24 -2.77 2.84
N LEU A 331 -3.85 -2.13 3.83
CA LEU A 331 -3.16 -1.60 5.00
C LEU A 331 -3.95 -2.02 6.23
N GLY A 332 -3.34 -2.88 7.04
CA GLY A 332 -3.95 -3.39 8.26
C GLY A 332 -4.93 -4.50 7.98
N ALA A 333 -6.25 -4.21 8.14
CA ALA A 333 -7.35 -5.18 7.98
C ALA A 333 -8.16 -5.03 6.68
N ASP A 334 -8.54 -3.79 6.37
CA ASP A 334 -9.32 -3.36 5.22
C ASP A 334 -8.58 -3.54 3.88
N THR A 335 -9.33 -3.61 2.76
CA THR A 335 -8.79 -3.74 1.40
C THR A 335 -9.68 -2.96 0.42
N VAL A 336 -9.11 -2.02 -0.35
CA VAL A 336 -9.89 -1.21 -1.30
C VAL A 336 -9.49 -1.49 -2.74
N GLN A 337 -10.42 -1.26 -3.68
CA GLN A 337 -10.18 -1.41 -5.11
C GLN A 337 -9.85 -0.03 -5.71
N PHE A 338 -8.67 0.08 -6.37
CA PHE A 338 -8.20 1.35 -6.94
C PHE A 338 -7.51 1.22 -8.29
N GLN A 339 -7.58 2.31 -9.06
CA GLN A 339 -6.92 2.48 -10.35
C GLN A 339 -5.65 3.26 -10.03
N ALA A 340 -4.48 2.61 -10.20
CA ALA A 340 -3.18 3.23 -9.94
C ALA A 340 -2.80 4.21 -11.05
N PHE A 341 -1.78 5.05 -10.81
CA PHE A 341 -1.33 6.02 -11.80
C PHE A 341 -0.56 5.36 -12.93
N TYR A 342 -0.76 5.88 -14.15
CA TYR A 342 -0.05 5.45 -15.35
C TYR A 342 1.17 6.38 -15.35
N PHE A 343 2.29 5.81 -14.90
CA PHE A 343 3.57 6.48 -14.79
C PHE A 343 4.43 5.99 -15.94
N ASP A 344 4.70 6.89 -16.89
CA ASP A 344 5.53 6.63 -18.05
C ASP A 344 6.91 7.21 -17.79
N ASP A 345 7.94 6.36 -17.75
CA ASP A 345 9.34 6.73 -17.48
C ASP A 345 9.90 7.74 -18.48
N ASP A 346 9.31 7.83 -19.68
CA ASP A 346 9.77 8.80 -20.67
C ASP A 346 9.26 10.18 -20.32
N LYS A 347 7.92 10.37 -20.38
CA LYS A 347 7.32 11.67 -20.09
C LYS A 347 7.31 12.07 -18.62
N HIS A 348 7.04 11.14 -17.68
CA HIS A 348 6.91 11.49 -16.26
C HIS A 348 8.23 11.50 -15.48
N PHE A 349 9.17 10.56 -15.76
CA PHE A 349 10.47 10.58 -15.06
C PHE A 349 11.40 11.58 -15.75
N ILE A 350 11.78 12.65 -15.04
CA ILE A 350 12.64 13.71 -15.57
C ILE A 350 13.83 13.91 -14.63
N PRO A 351 14.93 13.13 -14.81
CA PRO A 351 16.08 13.25 -13.89
C PRO A 351 16.57 14.65 -13.62
N ASN A 352 16.55 15.57 -14.61
CA ASN A 352 17.00 16.97 -14.48
C ASN A 352 16.34 17.69 -13.32
N LYS A 353 14.99 17.55 -13.20
CA LYS A 353 14.19 18.15 -12.13
C LYS A 353 14.74 17.76 -10.75
N ILE A 354 15.22 16.52 -10.61
CA ILE A 354 15.79 16.01 -9.37
C ILE A 354 17.16 16.67 -9.12
N LEU A 355 18.09 16.60 -10.12
CA LEU A 355 19.42 17.25 -10.07
C LEU A 355 19.28 18.75 -9.71
N LYS A 356 18.23 19.43 -10.25
CA LYS A 356 17.83 20.81 -9.95
C LYS A 356 17.61 20.94 -8.43
N LEU A 357 16.54 20.31 -7.84
CA LEU A 357 16.26 20.26 -6.39
C LEU A 357 17.53 20.05 -5.58
N ARG A 358 18.36 19.09 -6.02
CA ARG A 358 19.60 18.71 -5.37
C ARG A 358 20.64 19.82 -5.37
N LYS A 359 20.82 20.54 -6.51
CA LYS A 359 21.72 21.68 -6.60
C LYS A 359 21.15 22.76 -5.66
N ASP A 360 19.82 23.03 -5.77
CA ASP A 360 19.06 24.00 -4.99
C ASP A 360 19.11 23.78 -3.47
N GLU A 361 19.17 22.52 -3.02
CA GLU A 361 19.23 22.22 -1.59
C GLU A 361 20.66 22.37 -1.08
N ILE A 362 21.66 21.95 -1.89
CA ILE A 362 23.07 22.04 -1.52
C ILE A 362 23.54 23.50 -1.56
N GLU A 363 22.95 24.34 -2.47
CA GLU A 363 23.24 25.78 -2.61
C GLU A 363 22.55 26.57 -1.47
N ASP A 364 22.86 26.12 -0.26
CA ASP A 364 22.50 26.57 1.07
C ASP A 364 23.60 25.94 1.94
N LYS A 365 23.20 25.03 2.86
CA LYS A 365 24.05 24.29 3.78
C LYS A 365 23.31 23.02 4.17
#